data_5DDD
#
_entry.id   5DDD
#
_cell.length_a   48.307
_cell.length_b   79.713
_cell.length_c   124.811
_cell.angle_alpha   90.00
_cell.angle_beta   90.00
_cell.angle_gamma   90.00
#
_symmetry.space_group_name_H-M   'P 21 21 21'
#
loop_
_entity.id
_entity.type
_entity.pdbx_description
1 polymer Menin
2 non-polymer 4-[4-(5,5-dimethyl-4,5-dihydro-1,3-thiazol-2-yl)piperazin-1-yl]-6-(2-fluoroethyl)thieno[2,3-d]pyrimidine
3 non-polymer 'SULFATE ION'
4 non-polymer 'DIMETHYL SULFOXIDE'
5 non-polymer 'TETRAETHYLENE GLYCOL'
6 non-polymer DI(HYDROXYETHYL)ETHER
7 water water
#
_entity_poly.entity_id   1
_entity_poly.type   'polypeptide(L)'
_entity_poly.pdbx_seq_one_letter_code
;GGSSSMGLKAAQKTLFPLRSIDDVVRLFAAELGREEPDLVLLSLVLGFVEHFLAVNRVGLTYFPVADLSIIAALYARFTA
QIRGAVDLSLYPREGGVSSRELVKKVSDVIWNSLSRSYFKDRAHIQSLFSFITGTKLDSSGVAFAVVGACQALGLRDVHL
ALSEDHAWVVFGPNGEQTAEVTWHGKGNEDRRGQTVNAGVAERSWLYLKGSYMRCDRKMEVAFMVCAINPSIDLHTDSLE
LLQLQQKLLWLLYDLGHLERYPMALGNLADLEELEPTPGRPDPLTLYHKGIASAKTYYRDEHIYPYMYLAGYHCRNRNVR
EALQAWADTATVIQDYNYCREDEEIYKEFFEVANDVIPNLLKEAASLLEAGSQGSALQDPECFAHLLRFYDGICKWEEGS
PTPVLHVGWATFLVQSLGRFEGQVRQKVRIVSVPAPAASPPPEGPVLTFQSEKMKGMKELLVATKINSSAIKLQLTAQSQ
VQMKKQKVS
;
_entity_poly.pdbx_strand_id   A
#
# COMPACT_ATOMS: atom_id res chain seq x y z
N GLY A 7 5.63 -15.65 28.80
CA GLY A 7 6.64 -14.76 29.34
C GLY A 7 6.26 -13.30 29.35
N LEU A 8 4.99 -13.01 29.55
CA LEU A 8 4.60 -11.60 29.72
C LEU A 8 5.06 -11.05 31.05
N LYS A 9 5.29 -9.75 31.09
CA LYS A 9 5.66 -9.09 32.32
C LYS A 9 4.37 -8.83 33.08
N ALA A 10 4.48 -8.76 34.41
CA ALA A 10 3.32 -8.50 35.22
C ALA A 10 2.58 -7.25 34.75
N ALA A 11 3.33 -6.18 34.45
CA ALA A 11 2.73 -4.90 34.00
C ALA A 11 1.84 -4.98 32.74
N GLN A 12 2.19 -5.84 31.79
CA GLN A 12 1.41 -5.99 30.57
C GLN A 12 0.12 -6.76 30.86
N LYS A 13 0.02 -7.41 32.01
CA LYS A 13 -1.16 -8.24 32.29
C LYS A 13 -2.28 -7.53 33.00
N THR A 14 -1.99 -6.41 33.63
CA THR A 14 -2.92 -5.70 34.45
C THR A 14 -4.15 -5.21 33.68
N LEU A 15 -4.05 -4.93 32.40
CA LEU A 15 -5.24 -4.45 31.67
C LEU A 15 -6.28 -5.53 31.32
N PHE A 16 -5.97 -6.80 31.58
CA PHE A 16 -6.85 -7.88 31.19
C PHE A 16 -7.90 -8.12 32.22
N PRO A 17 -9.06 -8.67 31.83
CA PRO A 17 -9.43 -9.03 30.46
C PRO A 17 -9.83 -7.82 29.68
N LEU A 18 -9.70 -7.90 28.35
CA LEU A 18 -10.15 -6.84 27.47
C LEU A 18 -11.63 -7.10 27.09
N ARG A 19 -12.53 -6.19 27.46
CA ARG A 19 -13.98 -6.40 27.31
C ARG A 19 -14.55 -5.48 26.26
N SER A 20 -13.70 -4.67 25.64
CA SER A 20 -14.21 -3.65 24.77
C SER A 20 -13.13 -3.15 23.85
N ILE A 21 -13.57 -2.44 22.80
CA ILE A 21 -12.71 -1.78 21.88
C ILE A 21 -11.77 -0.86 22.68
N ASP A 22 -12.34 -0.07 23.58
CA ASP A 22 -11.57 0.89 24.31
C ASP A 22 -10.52 0.19 25.21
N ASP A 23 -10.86 -0.99 25.70
CA ASP A 23 -9.87 -1.78 26.44
C ASP A 23 -8.71 -2.18 25.50
N VAL A 24 -8.98 -2.41 24.24
CA VAL A 24 -7.91 -2.85 23.36
C VAL A 24 -7.00 -1.67 23.08
N VAL A 25 -7.62 -0.51 22.93
CA VAL A 25 -6.93 0.72 22.75
C VAL A 25 -6.06 1.06 23.94
N ARG A 26 -6.55 0.83 25.18
CA ARG A 26 -5.77 1.06 26.40
C ARG A 26 -4.54 0.15 26.41
N LEU A 27 -4.73 -1.08 25.97
CA LEU A 27 -3.61 -1.98 25.86
C LEU A 27 -2.54 -1.46 24.92
N PHE A 28 -2.95 -1.05 23.76
CA PHE A 28 -2.01 -0.55 22.80
C PHE A 28 -1.30 0.70 23.34
N ALA A 29 -2.04 1.60 24.01
CA ALA A 29 -1.44 2.81 24.51
C ALA A 29 -0.40 2.44 25.56
N ALA A 30 -0.72 1.49 26.44
CA ALA A 30 0.25 1.12 27.44
C ALA A 30 1.47 0.52 26.74
N GLU A 31 1.27 -0.43 25.85
CA GLU A 31 2.42 -0.97 25.10
C GLU A 31 3.25 0.09 24.36
N LEU A 32 2.58 1.09 23.80
CA LEU A 32 3.29 2.11 23.10
C LEU A 32 4.06 3.08 24.01
N GLY A 33 3.73 3.13 25.28
CA GLY A 33 4.47 3.93 26.24
C GLY A 33 5.70 3.18 26.73
N ARG A 34 5.87 1.92 26.35
CA ARG A 34 7.03 1.16 26.78
C ARG A 34 8.16 1.30 25.80
N GLU A 35 9.34 1.14 26.38
CA GLU A 35 10.63 0.99 25.71
C GLU A 35 10.50 0.33 24.33
N GLU A 36 9.86 -0.84 24.31
CA GLU A 36 9.67 -1.68 23.12
C GLU A 36 8.27 -2.33 23.18
N PRO A 37 7.30 -1.76 22.47
CA PRO A 37 6.02 -2.47 22.52
C PRO A 37 6.15 -3.93 22.06
N ASP A 38 5.33 -4.76 22.67
CA ASP A 38 5.40 -6.18 22.42
C ASP A 38 4.57 -6.59 21.18
N LEU A 39 5.22 -6.80 20.04
CA LEU A 39 4.54 -7.10 18.80
C LEU A 39 3.75 -8.42 18.83
N VAL A 40 4.30 -9.38 19.57
CA VAL A 40 3.67 -10.67 19.68
C VAL A 40 2.35 -10.60 20.43
N LEU A 41 2.38 -9.95 21.60
CA LEU A 41 1.18 -9.73 22.38
C LEU A 41 0.12 -9.01 21.56
N LEU A 42 0.52 -7.88 20.95
CA LEU A 42 -0.43 -7.01 20.29
C LEU A 42 -1.05 -7.67 19.07
N SER A 43 -0.23 -8.43 18.33
CA SER A 43 -0.72 -9.15 17.16
C SER A 43 -1.63 -10.30 17.54
N LEU A 44 -1.28 -11.02 18.63
CA LEU A 44 -2.17 -12.04 19.13
C LEU A 44 -3.55 -11.53 19.49
N VAL A 45 -3.58 -10.40 20.16
CA VAL A 45 -4.82 -9.79 20.61
C VAL A 45 -5.68 -9.34 19.45
N LEU A 46 -5.10 -8.61 18.49
CA LEU A 46 -5.82 -8.20 17.26
C LEU A 46 -6.35 -9.39 16.47
N GLY A 47 -5.56 -10.46 16.36
CA GLY A 47 -6.02 -11.61 15.58
C GLY A 47 -7.13 -12.35 16.30
N PHE A 48 -7.04 -12.37 17.64
CA PHE A 48 -8.09 -12.96 18.44
C PHE A 48 -9.39 -12.22 18.20
N VAL A 49 -9.36 -10.91 18.41
CA VAL A 49 -10.63 -10.17 18.29
C VAL A 49 -11.11 -10.15 16.85
N GLU A 50 -10.18 -10.09 15.91
CA GLU A 50 -10.58 -10.12 14.49
C GLU A 50 -11.23 -11.46 14.19
N HIS A 51 -10.71 -12.54 14.77
CA HIS A 51 -11.31 -13.84 14.53
C HIS A 51 -12.74 -13.92 15.06
N PHE A 52 -12.99 -13.38 16.25
CA PHE A 52 -14.34 -13.50 16.82
C PHE A 52 -15.31 -12.35 16.44
N LEU A 53 -14.85 -11.36 15.68
CA LEU A 53 -15.69 -10.36 15.08
C LEU A 53 -15.87 -10.48 13.57
N ALA A 54 -14.99 -11.20 12.87
CA ALA A 54 -15.08 -11.29 11.40
C ALA A 54 -15.17 -12.70 10.89
N VAL A 55 -14.48 -13.63 11.56
CA VAL A 55 -14.42 -15.00 11.07
C VAL A 55 -15.55 -15.82 11.67
N ASN A 56 -15.74 -15.71 12.97
CA ASN A 56 -16.81 -16.45 13.65
C ASN A 56 -17.50 -15.55 14.68
N ARG A 57 -18.66 -15.01 14.31
CA ARG A 57 -19.46 -14.18 15.25
C ARG A 57 -20.49 -15.00 16.08
N VAL A 58 -20.46 -16.31 16.01
CA VAL A 58 -21.39 -17.07 16.81
C VAL A 58 -21.27 -16.79 18.31
N GLY A 59 -22.33 -16.33 18.95
CA GLY A 59 -22.30 -16.09 20.38
C GLY A 59 -21.90 -14.68 20.79
N LEU A 60 -21.50 -13.92 19.81
CA LEU A 60 -21.14 -12.51 19.94
C LEU A 60 -22.34 -11.73 20.49
N THR A 61 -22.14 -11.06 21.61
CA THR A 61 -23.18 -10.20 22.15
C THR A 61 -22.76 -8.75 22.19
N TYR A 62 -21.45 -8.53 22.22
CA TYR A 62 -20.96 -7.14 22.23
C TYR A 62 -19.53 -7.10 21.76
N PHE A 63 -18.66 -7.71 22.55
CA PHE A 63 -17.25 -7.70 22.29
C PHE A 63 -16.65 -9.04 22.72
N PRO A 64 -15.77 -9.63 21.88
CA PRO A 64 -15.27 -10.95 22.37
C PRO A 64 -14.22 -10.70 23.46
N VAL A 65 -14.48 -11.20 24.65
CA VAL A 65 -13.65 -10.89 25.79
C VAL A 65 -12.32 -11.61 25.68
N ALA A 66 -11.22 -10.86 25.67
CA ALA A 66 -9.91 -11.46 25.64
C ALA A 66 -9.37 -11.63 27.06
N ASP A 67 -9.59 -12.82 27.63
CA ASP A 67 -9.06 -13.24 28.92
C ASP A 67 -7.57 -13.48 28.83
N LEU A 68 -6.89 -13.14 29.91
CA LEU A 68 -5.46 -13.37 30.01
C LEU A 68 -5.08 -14.84 29.87
N SER A 69 -5.87 -15.77 30.42
CA SER A 69 -5.52 -17.17 30.32
C SER A 69 -5.43 -17.57 28.82
N ILE A 70 -6.37 -17.07 28.02
CA ILE A 70 -6.37 -17.36 26.59
C ILE A 70 -5.17 -16.70 25.90
N ILE A 71 -4.93 -15.40 26.13
CA ILE A 71 -3.85 -14.72 25.38
C ILE A 71 -2.50 -15.23 25.82
N ALA A 72 -2.34 -15.47 27.12
CA ALA A 72 -1.05 -15.92 27.64
C ALA A 72 -0.72 -17.29 27.10
N ALA A 73 -1.74 -18.14 26.91
CA ALA A 73 -1.52 -19.47 26.35
C ALA A 73 -1.08 -19.36 24.89
N LEU A 74 -1.73 -18.48 24.12
CA LEU A 74 -1.28 -18.21 22.70
C LEU A 74 0.16 -17.70 22.70
N TYR A 75 0.46 -16.80 23.62
CA TYR A 75 1.75 -16.17 23.67
C TYR A 75 2.81 -17.22 23.95
N ALA A 76 2.58 -18.03 24.99
CA ALA A 76 3.43 -19.18 25.28
C ALA A 76 3.62 -20.18 24.12
N ARG A 77 2.57 -20.55 23.39
CA ARG A 77 2.75 -21.39 22.17
C ARG A 77 3.72 -20.72 21.17
N PHE A 78 3.55 -19.42 20.92
CA PHE A 78 4.43 -18.79 19.99
C PHE A 78 5.88 -18.75 20.45
N THR A 79 6.11 -18.31 21.67
CA THR A 79 7.49 -18.13 22.11
C THR A 79 8.19 -19.48 22.29
N ALA A 80 7.43 -20.52 22.65
CA ALA A 80 8.00 -21.83 22.77
C ALA A 80 8.38 -22.36 21.41
N GLN A 81 7.57 -22.08 20.40
CA GLN A 81 7.88 -22.58 19.04
C GLN A 81 9.18 -21.95 18.52
N ILE A 82 9.31 -20.67 18.77
CA ILE A 82 10.46 -19.94 18.27
C ILE A 82 11.70 -20.25 19.07
N ARG A 83 11.60 -20.16 20.38
CA ARG A 83 12.79 -20.39 21.19
C ARG A 83 13.30 -21.80 20.99
N GLY A 84 12.41 -22.77 21.00
CA GLY A 84 12.77 -24.16 20.80
C GLY A 84 13.48 -24.50 19.49
N ALA A 85 13.09 -23.83 18.40
CA ALA A 85 13.54 -24.19 17.06
C ALA A 85 14.74 -23.33 16.62
N VAL A 86 14.99 -22.22 17.30
CA VAL A 86 16.09 -21.34 16.96
C VAL A 86 17.09 -21.41 18.12
N ASP A 87 18.28 -21.86 17.82
CA ASP A 87 19.30 -21.99 18.82
C ASP A 87 20.24 -20.79 18.70
N LEU A 88 19.99 -19.74 19.46
CA LEU A 88 20.79 -18.52 19.39
C LEU A 88 22.28 -18.73 19.67
N SER A 89 22.60 -19.70 20.53
CA SER A 89 23.99 -20.01 20.84
C SER A 89 24.78 -20.32 19.59
N LEU A 90 24.12 -20.88 18.58
CA LEU A 90 24.79 -21.22 17.33
C LEU A 90 25.10 -20.04 16.44
N TYR A 91 24.52 -18.87 16.75
CA TYR A 91 24.67 -17.64 15.98
C TYR A 91 25.12 -16.53 16.94
N PRO A 92 26.43 -16.47 17.21
CA PRO A 92 27.02 -15.44 18.07
C PRO A 92 26.77 -14.01 17.60
N ARG A 93 26.32 -13.14 18.50
CA ARG A 93 25.97 -11.76 18.13
C ARG A 93 27.09 -10.76 18.41
N GLU A 94 27.72 -10.30 17.34
CA GLU A 94 28.77 -9.29 17.38
C GLU A 94 28.10 -7.92 17.52
N GLY A 95 28.54 -7.13 18.49
CA GLY A 95 28.05 -5.76 18.63
C GLY A 95 26.58 -5.58 18.99
N GLY A 96 25.94 -6.65 19.43
CA GLY A 96 24.51 -6.60 19.71
C GLY A 96 23.68 -6.46 18.44
N VAL A 97 24.24 -6.94 17.33
CA VAL A 97 23.50 -7.05 16.09
C VAL A 97 23.47 -8.51 15.59
N SER A 98 22.38 -8.77 14.86
CA SER A 98 22.07 -10.07 14.33
C SER A 98 22.87 -10.33 13.07
N SER A 99 23.02 -11.60 12.74
CA SER A 99 23.69 -12.01 11.52
C SER A 99 22.67 -12.44 10.43
N ARG A 100 23.12 -12.49 9.18
CA ARG A 100 22.28 -12.93 8.11
C ARG A 100 21.81 -14.39 8.30
N GLU A 101 22.72 -15.25 8.81
CA GLU A 101 22.35 -16.66 9.05
C GLU A 101 21.24 -16.78 10.09
N LEU A 102 21.33 -15.94 11.12
CA LEU A 102 20.35 -15.93 12.20
C LEU A 102 19.00 -15.55 11.68
N VAL A 103 18.97 -14.46 10.93
CA VAL A 103 17.74 -13.98 10.33
C VAL A 103 17.11 -15.01 9.38
N LYS A 104 17.97 -15.61 8.55
CA LYS A 104 17.54 -16.69 7.64
C LYS A 104 16.96 -17.88 8.43
N LYS A 105 17.57 -18.21 9.54
CA LYS A 105 17.09 -19.30 10.38
C LYS A 105 15.67 -19.00 10.92
N VAL A 106 15.41 -17.78 11.37
CA VAL A 106 14.11 -17.43 11.88
C VAL A 106 13.08 -17.51 10.78
N SER A 107 13.45 -16.95 9.62
CA SER A 107 12.61 -17.00 8.43
C SER A 107 12.29 -18.44 8.05
N ASP A 108 13.30 -19.31 8.04
CA ASP A 108 13.07 -20.74 7.78
C ASP A 108 12.10 -21.39 8.80
N VAL A 109 12.22 -21.04 10.09
CA VAL A 109 11.27 -21.58 11.10
C VAL A 109 9.78 -21.21 10.83
N ILE A 110 9.57 -19.92 10.55
CA ILE A 110 8.22 -19.48 10.27
C ILE A 110 7.73 -20.25 9.01
N TRP A 111 8.55 -20.20 7.97
CA TRP A 111 8.18 -20.84 6.72
C TRP A 111 7.87 -22.31 6.95
N ASN A 112 8.72 -23.00 7.67
CA ASN A 112 8.48 -24.44 7.82
C ASN A 112 7.32 -24.83 8.72
N SER A 113 6.75 -23.87 9.47
CA SER A 113 5.62 -24.14 10.34
C SER A 113 4.32 -24.05 9.58
N LEU A 114 4.34 -23.49 8.37
CA LEU A 114 3.12 -23.19 7.64
C LEU A 114 2.56 -24.44 6.96
N SER A 115 1.23 -24.54 6.88
CA SER A 115 0.55 -25.63 6.17
C SER A 115 1.08 -25.70 4.74
N ARG A 116 1.21 -26.93 4.22
CA ARG A 116 1.76 -27.18 2.89
C ARG A 116 1.01 -26.40 1.82
N SER A 117 -0.32 -26.43 1.89
CA SER A 117 -1.18 -25.85 0.87
C SER A 117 -2.32 -25.07 1.52
N TYR A 118 -2.58 -23.86 1.04
CA TYR A 118 -3.77 -23.09 1.42
C TYR A 118 -3.89 -21.85 0.53
N PHE A 119 -5.02 -21.16 0.52
CA PHE A 119 -5.19 -19.97 -0.32
C PHE A 119 -4.46 -18.83 0.34
N LYS A 120 -3.37 -18.39 -0.30
CA LYS A 120 -2.34 -17.56 0.32
C LYS A 120 -2.79 -16.09 0.44
N ASP A 121 -3.91 -15.72 -0.20
CA ASP A 121 -4.41 -14.35 -0.04
C ASP A 121 -5.89 -14.36 0.34
N ARG A 122 -6.27 -15.29 1.16
CA ARG A 122 -7.53 -15.15 1.80
C ARG A 122 -7.44 -14.06 2.90
N ALA A 123 -8.58 -13.64 3.41
CA ALA A 123 -8.59 -12.68 4.48
C ALA A 123 -8.28 -13.35 5.79
N HIS A 124 -7.88 -12.52 6.75
CA HIS A 124 -7.68 -12.92 8.12
C HIS A 124 -6.54 -13.89 8.32
N ILE A 125 -5.55 -13.92 7.44
CA ILE A 125 -4.38 -14.74 7.72
C ILE A 125 -3.10 -13.95 7.95
N GLN A 126 -3.26 -12.74 8.43
CA GLN A 126 -2.13 -11.83 8.63
C GLN A 126 -1.45 -11.84 9.99
N SER A 127 -2.18 -12.36 11.00
CA SER A 127 -1.77 -12.14 12.38
C SER A 127 -1.07 -13.37 12.95
N LEU A 128 -0.45 -13.18 14.10
CA LEU A 128 0.14 -14.32 14.83
C LEU A 128 -0.92 -15.29 15.37
N PHE A 129 -2.15 -14.81 15.51
CA PHE A 129 -3.29 -15.69 15.87
C PHE A 129 -3.51 -16.70 14.76
N SER A 130 -3.48 -16.21 13.53
CA SER A 130 -3.62 -17.09 12.40
C SER A 130 -2.44 -18.05 12.32
N PHE A 131 -1.24 -17.58 12.61
CA PHE A 131 -0.08 -18.45 12.54
C PHE A 131 -0.23 -19.61 13.53
N ILE A 132 -0.61 -19.30 14.76
CA ILE A 132 -0.70 -20.31 15.84
C ILE A 132 -1.90 -21.24 15.67
N THR A 133 -3.05 -20.68 15.40
CA THR A 133 -4.23 -21.52 15.46
C THR A 133 -4.48 -22.20 14.12
N GLY A 134 -3.97 -21.62 13.04
CA GLY A 134 -4.27 -22.04 11.70
C GLY A 134 -3.09 -22.47 10.90
N THR A 135 -1.87 -22.28 11.44
CA THR A 135 -0.63 -22.40 10.67
C THR A 135 -0.65 -21.80 9.24
N LYS A 136 -1.24 -20.60 9.12
CA LYS A 136 -1.34 -19.89 7.85
C LYS A 136 -1.01 -18.42 8.01
N LEU A 137 -0.27 -17.92 7.03
CA LEU A 137 0.11 -16.52 6.96
C LEU A 137 0.12 -16.09 5.49
N ASP A 138 -0.30 -14.86 5.26
CA ASP A 138 -0.13 -14.23 3.97
C ASP A 138 1.29 -13.71 3.83
N SER A 139 1.64 -13.25 2.65
CA SER A 139 3.02 -12.85 2.34
C SER A 139 3.68 -11.87 3.33
N SER A 140 3.06 -10.71 3.51
CA SER A 140 3.59 -9.77 4.49
C SER A 140 3.43 -10.25 5.91
N GLY A 141 2.45 -11.09 6.18
CA GLY A 141 2.33 -11.69 7.53
C GLY A 141 3.55 -12.50 7.96
N VAL A 142 4.10 -13.29 7.03
CA VAL A 142 5.41 -13.97 7.22
C VAL A 142 6.56 -13.02 7.61
N ALA A 143 6.76 -11.94 6.89
CA ALA A 143 7.75 -10.94 7.31
C ALA A 143 7.45 -10.36 8.67
N PHE A 144 6.19 -10.06 8.96
CA PHE A 144 5.85 -9.52 10.27
C PHE A 144 6.15 -10.55 11.35
N ALA A 145 5.82 -11.80 11.07
CA ALA A 145 6.07 -12.87 12.05
C ALA A 145 7.55 -13.10 12.31
N VAL A 146 8.37 -12.98 11.28
CA VAL A 146 9.82 -13.05 11.46
C VAL A 146 10.29 -11.92 12.43
N VAL A 147 9.79 -10.69 12.21
CA VAL A 147 10.14 -9.58 13.07
C VAL A 147 9.67 -9.83 14.54
N GLY A 148 8.43 -10.29 14.71
CA GLY A 148 7.90 -10.60 16.04
C GLY A 148 8.74 -11.65 16.73
N ALA A 149 9.11 -12.69 15.97
CA ALA A 149 9.94 -13.75 16.47
C ALA A 149 11.31 -13.26 16.87
N CYS A 150 11.89 -12.38 16.06
CA CYS A 150 13.20 -11.82 16.36
C CYS A 150 13.13 -11.00 17.66
N GLN A 151 12.12 -10.16 17.80
CA GLN A 151 11.95 -9.41 19.05
C GLN A 151 11.82 -10.31 20.30
N ALA A 152 11.05 -11.37 20.20
CA ALA A 152 10.92 -12.24 21.35
C ALA A 152 12.19 -13.10 21.60
N LEU A 153 13.11 -13.17 20.64
CA LEU A 153 14.44 -13.76 20.87
C LEU A 153 15.44 -12.70 21.32
N GLY A 154 15.00 -11.46 21.52
CA GLY A 154 15.85 -10.38 22.00
C GLY A 154 16.66 -9.67 20.92
N LEU A 155 16.38 -9.88 19.63
CA LEU A 155 17.19 -9.27 18.57
C LEU A 155 16.64 -7.90 18.14
N ARG A 156 17.02 -6.87 18.89
CA ARG A 156 16.41 -5.54 18.81
C ARG A 156 16.74 -4.81 17.50
N ASP A 157 17.71 -5.32 16.75
CA ASP A 157 18.09 -4.71 15.50
C ASP A 157 17.25 -5.15 14.30
N VAL A 158 16.39 -6.16 14.46
CA VAL A 158 15.67 -6.71 13.31
C VAL A 158 14.35 -5.96 13.14
N HIS A 159 14.17 -5.34 11.99
CA HIS A 159 13.02 -4.50 11.73
C HIS A 159 12.40 -4.82 10.39
N LEU A 160 11.11 -4.49 10.32
CA LEU A 160 10.31 -4.65 9.16
C LEU A 160 10.60 -3.55 8.15
N ALA A 161 10.81 -3.96 6.90
CA ALA A 161 10.90 -3.04 5.80
C ALA A 161 9.71 -3.22 4.85
N LEU A 162 9.16 -2.11 4.36
CA LEU A 162 7.92 -2.15 3.59
C LEU A 162 8.06 -1.30 2.35
N SER A 163 7.78 -1.86 1.18
CA SER A 163 7.44 -1.04 0.03
C SER A 163 5.89 -0.94 -0.10
N GLU A 164 5.46 -0.51 -1.25
CA GLU A 164 4.07 -0.39 -1.49
C GLU A 164 3.44 -1.74 -1.83
N ASP A 165 4.24 -2.74 -2.13
CA ASP A 165 3.70 -4.04 -2.51
C ASP A 165 4.48 -5.25 -1.97
N HIS A 166 5.40 -5.04 -1.05
CA HIS A 166 6.24 -6.10 -0.55
C HIS A 166 6.82 -5.82 0.83
N ALA A 167 7.35 -6.84 1.49
CA ALA A 167 7.86 -6.70 2.81
C ALA A 167 9.08 -7.53 2.96
N TRP A 168 10.02 -7.00 3.73
CA TRP A 168 11.21 -7.78 4.11
C TRP A 168 11.75 -7.32 5.48
N VAL A 169 12.97 -7.66 5.81
CA VAL A 169 13.65 -7.18 6.99
C VAL A 169 14.98 -6.46 6.80
N VAL A 170 15.24 -5.58 7.74
CA VAL A 170 16.52 -4.95 7.85
C VAL A 170 17.06 -5.38 9.19
N PHE A 171 18.38 -5.28 9.31
CA PHE A 171 19.09 -5.79 10.47
C PHE A 171 20.55 -5.44 10.36
N GLY A 172 21.30 -5.81 11.38
CA GLY A 172 22.75 -5.69 11.36
C GLY A 172 23.35 -4.37 11.80
N PRO A 173 24.65 -4.23 11.58
CA PRO A 173 25.35 -2.97 11.85
C PRO A 173 24.56 -1.81 11.27
N ASN A 174 24.12 -0.91 12.15
CA ASN A 174 23.36 0.30 11.79
C ASN A 174 22.06 0.00 11.11
N GLY A 175 21.55 -1.22 11.23
CA GLY A 175 20.34 -1.58 10.46
C GLY A 175 20.52 -1.44 8.93
N GLU A 176 21.76 -1.57 8.46
CA GLU A 176 22.04 -1.38 7.05
C GLU A 176 21.79 -2.62 6.21
N GLN A 177 21.67 -3.81 6.81
CA GLN A 177 21.52 -4.98 5.96
C GLN A 177 20.07 -5.22 5.64
N THR A 178 19.82 -5.79 4.45
CA THR A 178 18.49 -6.23 4.02
C THR A 178 18.44 -7.73 3.79
N ALA A 179 17.30 -8.33 4.12
CA ALA A 179 17.07 -9.72 3.79
C ALA A 179 15.64 -9.99 3.39
N GLU A 180 15.48 -10.70 2.29
CA GLU A 180 14.17 -11.25 1.93
C GLU A 180 13.81 -12.36 2.88
N VAL A 181 12.60 -12.34 3.37
CA VAL A 181 12.15 -13.45 4.24
C VAL A 181 10.83 -14.01 3.84
N THR A 182 10.21 -13.49 2.77
CA THR A 182 8.93 -14.02 2.33
C THR A 182 8.83 -14.06 0.84
N TRP A 183 7.71 -14.54 0.32
CA TRP A 183 7.52 -14.53 -1.10
C TRP A 183 6.93 -13.19 -1.58
N HIS A 184 7.06 -12.96 -2.88
CA HIS A 184 6.29 -11.88 -3.50
C HIS A 184 5.44 -12.44 -4.62
N GLY A 185 4.16 -12.09 -4.63
CA GLY A 185 3.31 -12.31 -5.76
C GLY A 185 2.96 -13.75 -5.91
N LYS A 186 2.63 -14.14 -7.13
CA LYS A 186 2.26 -15.52 -7.47
C LYS A 186 3.22 -15.94 -8.58
N GLY A 187 3.86 -17.08 -8.41
CA GLY A 187 4.69 -17.68 -9.46
C GLY A 187 6.12 -17.23 -9.46
N ASN A 188 6.42 -16.18 -8.70
CA ASN A 188 7.80 -15.74 -8.56
C ASN A 188 8.58 -16.74 -7.72
N GLU A 189 9.85 -16.98 -8.08
CA GLU A 189 10.70 -17.92 -7.35
C GLU A 189 11.41 -17.10 -6.30
N ASP A 190 11.51 -17.63 -5.07
CA ASP A 190 12.00 -16.88 -3.88
C ASP A 190 13.45 -16.38 -4.02
N ARG A 191 13.74 -15.24 -3.36
CA ARG A 191 15.15 -14.83 -3.11
C ARG A 191 15.40 -14.70 -1.59
N ARG A 192 14.78 -15.59 -0.80
CA ARG A 192 14.82 -15.49 0.67
C ARG A 192 16.25 -15.68 1.10
N GLY A 193 16.73 -14.82 1.98
CA GLY A 193 18.13 -14.87 2.36
C GLY A 193 18.93 -13.76 1.71
N GLN A 194 18.58 -13.42 0.46
CA GLN A 194 19.28 -12.34 -0.33
C GLN A 194 18.94 -10.89 0.07
N THR A 195 19.80 -9.96 -0.35
CA THR A 195 19.51 -8.54 -0.22
C THR A 195 18.46 -8.08 -1.24
N VAL A 196 17.97 -6.86 -1.07
CA VAL A 196 17.09 -6.24 -2.05
C VAL A 196 17.84 -5.35 -3.08
N ASN A 197 19.16 -5.43 -3.11
CA ASN A 197 20.00 -4.47 -3.82
C ASN A 197 19.86 -4.55 -5.32
N ALA A 198 19.66 -5.73 -5.86
CA ALA A 198 19.41 -5.81 -7.33
C ALA A 198 18.10 -5.10 -7.69
N GLY A 199 17.10 -5.30 -6.83
CA GLY A 199 15.78 -4.63 -7.01
C GLY A 199 15.88 -3.12 -6.93
N VAL A 200 16.66 -2.63 -5.95
CA VAL A 200 16.89 -1.19 -5.83
C VAL A 200 17.66 -0.68 -7.06
N ALA A 201 18.69 -1.42 -7.49
CA ALA A 201 19.53 -1.00 -8.63
C ALA A 201 18.70 -0.90 -9.91
N GLU A 202 17.74 -1.81 -10.10
CA GLU A 202 17.03 -1.77 -11.36
C GLU A 202 15.87 -0.73 -11.37
N ARG A 203 15.70 0.01 -10.29
CA ARG A 203 14.72 1.08 -10.24
C ARG A 203 13.31 0.55 -10.52
N SER A 204 12.98 -0.61 -10.00
CA SER A 204 11.61 -1.08 -10.05
C SER A 204 10.79 -0.37 -9.01
N TRP A 205 9.48 -0.31 -9.26
CA TRP A 205 8.54 0.15 -8.22
C TRP A 205 8.56 -0.67 -6.95
N LEU A 206 8.70 -1.96 -7.11
CA LEU A 206 8.65 -2.87 -5.96
C LEU A 206 9.61 -2.50 -4.84
N TYR A 207 10.76 -1.89 -5.17
CA TYR A 207 11.75 -1.56 -4.16
C TYR A 207 11.94 -0.06 -3.98
N LEU A 208 11.10 0.70 -4.69
CA LEU A 208 10.97 2.13 -4.51
C LEU A 208 12.30 2.86 -4.65
N LYS A 209 13.16 2.35 -5.48
CA LYS A 209 14.46 2.96 -5.70
C LYS A 209 15.22 3.14 -4.38
N GLY A 210 14.92 2.26 -3.41
CA GLY A 210 15.46 2.36 -2.07
C GLY A 210 14.74 3.32 -1.15
N SER A 211 13.71 4.02 -1.62
CA SER A 211 12.92 4.93 -0.72
C SER A 211 11.76 4.18 -0.02
N TYR A 212 12.05 2.97 0.43
CA TYR A 212 11.10 2.14 1.14
C TYR A 212 11.13 2.48 2.59
N MET A 213 10.18 1.95 3.32
CA MET A 213 10.04 2.29 4.73
C MET A 213 10.89 1.32 5.54
N ARG A 214 11.67 1.87 6.49
CA ARG A 214 12.44 1.10 7.46
C ARG A 214 11.78 1.33 8.78
N CYS A 215 10.96 0.37 9.22
CA CYS A 215 10.20 0.54 10.46
C CYS A 215 11.05 0.56 11.76
N ASP A 216 10.61 1.36 12.71
CA ASP A 216 11.01 1.19 14.08
C ASP A 216 9.86 0.38 14.70
N ARG A 217 9.96 0.01 15.98
CA ARG A 217 8.86 -0.76 16.61
C ARG A 217 7.50 -0.07 16.55
N LYS A 218 7.51 1.24 16.68
CA LYS A 218 6.26 1.96 16.69
C LYS A 218 5.52 1.81 15.35
N MET A 219 6.25 1.95 14.26
CA MET A 219 5.75 1.75 12.90
C MET A 219 5.38 0.28 12.64
N GLU A 220 6.03 -0.66 13.32
CA GLU A 220 5.60 -2.04 13.20
C GLU A 220 4.23 -2.25 13.84
N VAL A 221 3.97 -1.51 14.92
CA VAL A 221 2.65 -1.52 15.53
C VAL A 221 1.65 -0.90 14.56
N ALA A 222 2.02 0.23 13.99
CA ALA A 222 1.20 0.82 12.91
C ALA A 222 0.86 -0.14 11.77
N PHE A 223 1.82 -0.95 11.35
CA PHE A 223 1.61 -1.93 10.30
C PHE A 223 0.55 -2.95 10.68
N MET A 224 0.61 -3.50 11.89
CA MET A 224 -0.37 -4.48 12.29
C MET A 224 -1.80 -3.91 12.39
N VAL A 225 -1.88 -2.67 12.81
CA VAL A 225 -3.18 -1.97 12.82
C VAL A 225 -3.72 -1.75 11.38
N CYS A 226 -2.88 -1.29 10.47
CA CYS A 226 -3.27 -1.21 9.07
C CYS A 226 -3.68 -2.57 8.60
N ALA A 227 -3.03 -3.64 9.10
CA ALA A 227 -3.34 -5.02 8.66
C ALA A 227 -4.66 -5.58 9.15
N ILE A 228 -5.30 -4.88 10.09
CA ILE A 228 -6.60 -5.32 10.57
C ILE A 228 -7.51 -5.43 9.37
N ASN A 229 -8.27 -6.50 9.28
CA ASN A 229 -9.15 -6.69 8.12
C ASN A 229 -10.56 -6.78 8.55
N PRO A 230 -11.31 -5.70 8.40
CA PRO A 230 -12.66 -5.75 8.96
C PRO A 230 -13.73 -6.45 8.12
N SER A 231 -13.36 -7.19 7.06
CA SER A 231 -14.37 -7.77 6.18
C SER A 231 -14.94 -9.05 6.73
N ILE A 232 -16.27 -9.13 6.76
CA ILE A 232 -16.94 -10.37 7.11
C ILE A 232 -17.22 -11.22 5.84
N ASP A 233 -17.69 -10.57 4.78
CA ASP A 233 -17.71 -11.20 3.45
C ASP A 233 -17.56 -10.10 2.40
N LEU A 234 -17.75 -10.45 1.13
CA LEU A 234 -17.61 -9.46 0.04
C LEU A 234 -18.50 -8.22 0.28
N HIS A 235 -19.67 -8.44 0.86
CA HIS A 235 -20.69 -7.41 1.01
C HIS A 235 -20.67 -6.65 2.37
N THR A 236 -20.06 -7.23 3.41
CA THR A 236 -20.24 -6.78 4.79
C THR A 236 -18.94 -6.56 5.58
N ASP A 237 -18.87 -5.50 6.38
CA ASP A 237 -17.72 -5.21 7.23
C ASP A 237 -18.12 -5.20 8.68
N SER A 238 -17.19 -5.58 9.56
CA SER A 238 -17.42 -5.48 10.99
C SER A 238 -17.26 -4.02 11.46
N LEU A 239 -18.38 -3.43 11.85
CA LEU A 239 -18.39 -2.12 12.44
C LEU A 239 -17.47 -2.04 13.65
N GLU A 240 -17.43 -3.11 14.44
CA GLU A 240 -16.58 -3.14 15.58
C GLU A 240 -15.11 -3.03 15.16
N LEU A 241 -14.75 -3.74 14.12
CA LEU A 241 -13.37 -3.74 13.71
C LEU A 241 -13.00 -2.44 12.99
N LEU A 242 -13.92 -1.85 12.22
CA LEU A 242 -13.62 -0.58 11.62
C LEU A 242 -13.40 0.46 12.72
N GLN A 243 -14.24 0.45 13.76
CA GLN A 243 -14.04 1.41 14.88
C GLN A 243 -12.67 1.19 15.59
N LEU A 244 -12.35 -0.08 15.87
CA LEU A 244 -11.09 -0.44 16.52
C LEU A 244 -9.91 0.04 15.72
N GLN A 245 -9.89 -0.29 14.42
CA GLN A 245 -8.79 0.15 13.56
C GLN A 245 -8.62 1.68 13.54
N GLN A 246 -9.75 2.34 13.41
CA GLN A 246 -9.80 3.78 13.35
C GLN A 246 -9.26 4.42 14.63
N LYS A 247 -9.73 3.94 15.78
CA LYS A 247 -9.27 4.46 17.10
C LYS A 247 -7.79 4.23 17.34
N LEU A 248 -7.35 3.05 16.88
CA LEU A 248 -5.92 2.69 16.96
C LEU A 248 -5.02 3.54 16.07
N LEU A 249 -5.51 3.80 14.88
CA LEU A 249 -4.80 4.71 14.00
C LEU A 249 -4.76 6.16 14.60
N TRP A 250 -5.83 6.64 15.27
CA TRP A 250 -5.81 7.98 15.85
C TRP A 250 -4.81 8.02 16.98
N LEU A 251 -4.77 6.92 17.75
CA LEU A 251 -3.82 6.78 18.86
C LEU A 251 -2.42 6.96 18.32
N LEU A 252 -2.08 6.12 17.33
CA LEU A 252 -0.77 6.19 16.69
C LEU A 252 -0.50 7.57 16.11
N TYR A 253 -1.51 8.14 15.49
CA TYR A 253 -1.37 9.49 14.93
C TYR A 253 -0.96 10.49 16.01
N ASP A 254 -1.67 10.46 17.13
CA ASP A 254 -1.45 11.49 18.18
C ASP A 254 -0.10 11.32 18.78
N LEU A 255 0.45 10.11 18.75
CA LEU A 255 1.73 9.85 19.37
C LEU A 255 2.88 10.07 18.43
N GLY A 256 2.63 10.54 17.22
CA GLY A 256 3.72 10.83 16.29
C GLY A 256 4.10 9.69 15.38
N HIS A 257 3.40 8.55 15.50
CA HIS A 257 3.87 7.28 14.91
C HIS A 257 3.39 7.02 13.49
N LEU A 258 2.47 7.80 12.96
CA LEU A 258 2.21 7.79 11.50
C LEU A 258 3.01 8.84 10.69
N GLU A 259 3.92 9.56 11.34
CA GLU A 259 4.69 10.65 10.71
C GLU A 259 5.38 10.19 9.41
N ARG A 260 5.94 8.99 9.45
CA ARG A 260 6.67 8.46 8.29
C ARG A 260 5.90 7.32 7.59
N TYR A 261 4.58 7.31 7.72
CA TYR A 261 3.78 6.21 7.19
C TYR A 261 2.61 6.70 6.30
N PRO A 262 2.96 7.12 5.06
CA PRO A 262 1.96 7.60 4.12
C PRO A 262 0.71 6.67 4.01
N MET A 263 0.93 5.39 3.82
CA MET A 263 -0.22 4.51 3.55
C MET A 263 -1.16 4.41 4.75
N ALA A 264 -0.62 4.49 5.95
CA ALA A 264 -1.40 4.50 7.14
C ALA A 264 -2.25 5.79 7.20
N LEU A 265 -1.69 6.90 6.72
CA LEU A 265 -2.47 8.15 6.71
C LEU A 265 -3.63 8.06 5.71
N GLY A 266 -3.34 7.50 4.54
CA GLY A 266 -4.36 7.14 3.59
C GLY A 266 -5.46 6.21 4.13
N ASN A 267 -5.07 5.15 4.84
N ASN A 267 -5.09 5.15 4.85
CA ASN A 267 -6.07 4.20 5.37
CA ASN A 267 -6.12 4.22 5.39
C ASN A 267 -6.94 4.90 6.42
C ASN A 267 -6.98 4.93 6.42
N LEU A 268 -6.34 5.77 7.22
CA LEU A 268 -7.10 6.55 8.22
C LEU A 268 -8.07 7.53 7.53
N ALA A 269 -7.61 8.19 6.46
CA ALA A 269 -8.47 9.09 5.70
C ALA A 269 -9.69 8.31 5.11
N ASP A 270 -9.44 7.13 4.54
CA ASP A 270 -10.51 6.31 3.98
C ASP A 270 -11.51 6.01 5.11
N LEU A 271 -11.00 5.68 6.29
CA LEU A 271 -11.91 5.39 7.42
C LEU A 271 -12.72 6.60 7.88
N GLU A 272 -12.09 7.77 7.90
CA GLU A 272 -12.76 8.97 8.27
C GLU A 272 -13.86 9.35 7.27
N GLU A 273 -13.59 9.17 5.99
CA GLU A 273 -14.57 9.44 4.96
C GLU A 273 -15.84 8.64 5.22
N LEU A 274 -15.65 7.35 5.45
CA LEU A 274 -16.77 6.45 5.71
C LEU A 274 -17.49 6.82 7.02
N GLU A 275 -16.75 7.25 8.04
CA GLU A 275 -17.33 7.50 9.36
C GLU A 275 -16.52 8.51 10.17
N PRO A 276 -16.81 9.78 10.02
CA PRO A 276 -15.85 10.74 10.57
C PRO A 276 -15.93 10.89 12.06
N THR A 277 -14.78 11.13 12.69
CA THR A 277 -14.69 11.36 14.10
C THR A 277 -14.81 12.85 14.35
N PRO A 278 -15.77 13.28 15.22
CA PRO A 278 -15.91 14.71 15.53
C PRO A 278 -14.59 15.31 16.06
N GLY A 279 -14.21 16.46 15.52
CA GLY A 279 -13.03 17.16 16.01
C GLY A 279 -11.72 16.69 15.39
N ARG A 280 -11.77 15.82 14.41
CA ARG A 280 -10.53 15.36 13.79
C ARG A 280 -10.40 16.01 12.40
N PRO A 281 -9.20 16.08 11.84
CA PRO A 281 -9.02 16.52 10.45
C PRO A 281 -9.91 15.81 9.43
N ASP A 282 -10.35 16.57 8.41
CA ASP A 282 -10.93 16.04 7.18
C ASP A 282 -10.13 14.91 6.52
N PRO A 283 -10.83 13.97 5.85
CA PRO A 283 -10.07 13.10 4.98
C PRO A 283 -9.11 13.84 4.04
N LEU A 284 -9.54 14.93 3.39
CA LEU A 284 -8.63 15.65 2.48
C LEU A 284 -7.32 16.09 3.15
N THR A 285 -7.41 16.62 4.35
CA THR A 285 -6.23 17.01 5.08
C THR A 285 -5.40 15.74 5.33
N LEU A 286 -6.04 14.65 5.66
CA LEU A 286 -5.28 13.45 5.94
C LEU A 286 -4.57 12.98 4.71
N TYR A 287 -5.25 12.95 3.57
CA TYR A 287 -4.59 12.55 2.33
C TYR A 287 -3.40 13.43 2.02
N HIS A 288 -3.57 14.73 2.23
CA HIS A 288 -2.46 15.63 2.01
C HIS A 288 -1.33 15.47 2.98
N LYS A 289 -1.59 15.03 4.19
CA LYS A 289 -0.46 14.76 5.08
C LYS A 289 0.27 13.54 4.57
N GLY A 290 -0.46 12.56 4.10
CA GLY A 290 0.12 11.35 3.52
C GLY A 290 1.12 11.68 2.43
N ILE A 291 0.72 12.60 1.56
CA ILE A 291 1.57 13.09 0.46
C ILE A 291 2.77 13.86 1.01
N ALA A 292 2.56 14.74 1.99
CA ALA A 292 3.66 15.54 2.54
C ALA A 292 4.67 14.60 3.26
N SER A 293 4.18 13.58 3.95
CA SER A 293 5.08 12.55 4.53
C SER A 293 5.93 11.84 3.46
N ALA A 294 5.35 11.46 2.32
CA ALA A 294 6.17 10.85 1.22
C ALA A 294 7.22 11.81 0.66
N LYS A 295 6.84 13.09 0.49
CA LYS A 295 7.76 14.09 0.03
C LYS A 295 8.91 14.28 1.01
N THR A 296 8.62 14.28 2.31
CA THR A 296 9.62 14.56 3.32
C THR A 296 10.54 13.40 3.58
N TYR A 297 10.00 12.19 3.67
CA TYR A 297 10.84 11.07 4.11
C TYR A 297 11.30 10.14 3.01
N TYR A 298 10.57 10.10 1.89
CA TYR A 298 10.78 9.10 0.82
C TYR A 298 10.96 9.73 -0.57
N ARG A 299 11.49 10.94 -0.58
CA ARG A 299 11.83 11.72 -1.77
C ARG A 299 10.73 11.79 -2.82
N ASP A 300 9.47 11.76 -2.35
CA ASP A 300 8.31 11.82 -3.24
C ASP A 300 8.40 10.68 -4.25
N GLU A 301 8.83 9.49 -3.82
CA GLU A 301 8.90 8.37 -4.75
C GLU A 301 7.81 7.33 -4.55
N HIS A 302 6.79 7.63 -3.74
CA HIS A 302 5.71 6.71 -3.50
C HIS A 302 4.54 7.00 -4.44
N ILE A 303 3.84 5.97 -4.89
CA ILE A 303 2.73 6.15 -5.84
C ILE A 303 1.39 6.26 -5.11
N TYR A 304 1.19 5.47 -4.07
CA TYR A 304 -0.12 5.42 -3.50
C TYR A 304 -0.62 6.71 -2.81
N PRO A 305 0.29 7.58 -2.32
CA PRO A 305 -0.31 8.78 -1.69
C PRO A 305 -1.24 9.57 -2.60
N TYR A 306 -0.85 9.67 -3.86
CA TYR A 306 -1.63 10.39 -4.83
C TYR A 306 -2.81 9.55 -5.34
N MET A 307 -2.66 8.22 -5.33
N MET A 307 -2.67 8.21 -5.35
CA MET A 307 -3.81 7.35 -5.67
CA MET A 307 -3.82 7.37 -5.69
C MET A 307 -4.90 7.37 -4.60
C MET A 307 -4.90 7.35 -4.61
N TYR A 308 -4.52 7.37 -3.33
CA TYR A 308 -5.51 7.54 -2.26
C TYR A 308 -6.29 8.83 -2.48
N LEU A 309 -5.57 9.92 -2.76
CA LEU A 309 -6.25 11.24 -2.94
C LEU A 309 -7.15 11.22 -4.14
N ALA A 310 -6.63 10.67 -5.23
CA ALA A 310 -7.40 10.58 -6.46
C ALA A 310 -8.66 9.76 -6.32
N GLY A 311 -8.56 8.67 -5.58
CA GLY A 311 -9.77 7.85 -5.32
C GLY A 311 -10.88 8.57 -4.60
N TYR A 312 -10.51 9.32 -3.57
CA TYR A 312 -11.44 10.12 -2.83
C TYR A 312 -12.12 11.12 -3.75
N HIS A 313 -11.31 11.86 -4.50
CA HIS A 313 -11.85 12.85 -5.42
C HIS A 313 -12.71 12.20 -6.48
N CYS A 314 -12.29 11.04 -6.95
CA CYS A 314 -13.14 10.26 -7.86
C CYS A 314 -14.51 9.85 -7.24
N ARG A 315 -14.53 9.36 -6.00
CA ARG A 315 -15.77 8.93 -5.35
C ARG A 315 -16.73 10.07 -5.08
N ASN A 316 -16.19 11.26 -4.82
CA ASN A 316 -16.96 12.48 -4.68
C ASN A 316 -17.17 13.31 -5.93
N ARG A 317 -16.73 12.77 -7.06
CA ARG A 317 -16.88 13.39 -8.38
C ARG A 317 -16.34 14.79 -8.52
N ASN A 318 -15.18 15.03 -7.90
CA ASN A 318 -14.40 16.23 -8.17
C ASN A 318 -13.50 15.79 -9.35
N VAL A 319 -14.02 15.80 -10.56
CA VAL A 319 -13.29 15.31 -11.74
C VAL A 319 -11.94 16.02 -11.96
N ARG A 320 -11.95 17.34 -11.86
CA ARG A 320 -10.73 18.10 -11.98
C ARG A 320 -9.66 17.66 -10.98
N GLU A 321 -10.06 17.52 -9.71
CA GLU A 321 -9.10 17.17 -8.66
C GLU A 321 -8.64 15.73 -8.80
N ALA A 322 -9.53 14.86 -9.27
CA ALA A 322 -9.15 13.44 -9.49
C ALA A 322 -8.10 13.30 -10.55
N LEU A 323 -8.33 14.01 -11.66
CA LEU A 323 -7.37 14.04 -12.75
C LEU A 323 -6.06 14.66 -12.32
N GLN A 324 -6.10 15.75 -11.55
CA GLN A 324 -4.85 16.33 -11.11
C GLN A 324 -4.01 15.32 -10.32
N ALA A 325 -4.68 14.66 -9.37
CA ALA A 325 -4.03 13.67 -8.53
C ALA A 325 -3.43 12.48 -9.29
N TRP A 326 -4.16 11.92 -10.24
CA TRP A 326 -3.63 10.90 -11.13
C TRP A 326 -2.48 11.40 -12.01
N ALA A 327 -2.55 12.62 -12.47
CA ALA A 327 -1.41 13.17 -13.21
C ALA A 327 -0.20 13.25 -12.30
N ASP A 328 -0.45 13.63 -11.02
CA ASP A 328 0.58 13.53 -9.97
C ASP A 328 1.09 12.14 -9.73
N THR A 329 0.23 11.10 -9.75
CA THR A 329 0.74 9.76 -9.59
C THR A 329 1.61 9.39 -10.81
N ALA A 330 1.22 9.79 -12.01
CA ALA A 330 2.08 9.55 -13.20
C ALA A 330 3.42 10.28 -13.12
N THR A 331 3.45 11.43 -12.45
CA THR A 331 4.70 12.18 -12.35
C THR A 331 5.71 11.44 -11.51
N VAL A 332 5.24 10.68 -10.52
CA VAL A 332 6.11 9.89 -9.68
C VAL A 332 6.61 8.65 -10.46
N ILE A 333 5.69 7.93 -11.11
CA ILE A 333 6.01 6.72 -11.82
C ILE A 333 6.97 6.90 -13.01
N GLN A 334 6.95 8.09 -13.61
CA GLN A 334 7.74 8.33 -14.79
C GLN A 334 9.25 8.07 -14.57
N ASP A 335 9.75 8.21 -13.34
CA ASP A 335 11.14 7.99 -13.04
C ASP A 335 11.44 6.62 -12.49
N TYR A 336 10.57 5.68 -12.79
CA TYR A 336 10.83 4.29 -12.47
C TYR A 336 10.99 3.58 -13.78
N ASN A 337 11.53 2.35 -13.71
CA ASN A 337 11.53 1.35 -14.78
C ASN A 337 10.50 0.28 -14.42
N TYR A 338 9.68 -0.06 -15.42
CA TYR A 338 8.66 -1.05 -15.30
C TYR A 338 9.36 -2.40 -15.38
N CYS A 339 9.48 -3.05 -14.24
CA CYS A 339 10.12 -4.34 -14.15
C CYS A 339 9.10 -5.50 -13.89
N ARG A 340 9.50 -6.71 -14.27
CA ARG A 340 8.91 -7.95 -13.84
C ARG A 340 8.73 -7.82 -12.33
N GLU A 341 7.56 -8.18 -11.83
CA GLU A 341 7.16 -8.03 -10.41
C GLU A 341 6.47 -6.72 -10.03
N ASP A 342 6.47 -5.69 -10.90
CA ASP A 342 5.69 -4.47 -10.66
C ASP A 342 4.24 -4.55 -11.16
N GLU A 343 3.73 -5.75 -11.35
CA GLU A 343 2.47 -5.92 -12.09
C GLU A 343 1.32 -5.25 -11.39
N GLU A 344 1.31 -5.17 -10.07
CA GLU A 344 0.17 -4.59 -9.37
C GLU A 344 0.02 -3.13 -9.69
N ILE A 345 1.14 -2.42 -9.87
CA ILE A 345 1.03 -1.00 -10.18
C ILE A 345 0.59 -0.80 -11.63
N TYR A 346 1.05 -1.69 -12.52
CA TYR A 346 0.59 -1.69 -13.88
C TYR A 346 -0.93 -1.82 -13.89
N LYS A 347 -1.50 -2.77 -13.12
CA LYS A 347 -2.95 -2.98 -13.08
C LYS A 347 -3.65 -1.76 -12.56
N GLU A 348 -3.10 -1.09 -11.56
CA GLU A 348 -3.74 0.11 -11.07
C GLU A 348 -3.78 1.19 -12.17
N PHE A 349 -2.65 1.45 -12.81
CA PHE A 349 -2.64 2.40 -13.92
C PHE A 349 -3.54 2.05 -15.07
N PHE A 350 -3.55 0.77 -15.44
CA PHE A 350 -4.42 0.29 -16.49
C PHE A 350 -5.92 0.53 -16.21
N GLU A 351 -6.34 0.17 -14.99
CA GLU A 351 -7.70 0.35 -14.57
C GLU A 351 -8.09 1.87 -14.54
N VAL A 352 -7.19 2.73 -14.07
CA VAL A 352 -7.42 4.17 -14.11
C VAL A 352 -7.61 4.66 -15.54
N ALA A 353 -6.71 4.33 -16.42
CA ALA A 353 -6.74 4.89 -17.78
C ALA A 353 -7.87 4.31 -18.61
N ASN A 354 -8.12 3.03 -18.43
CA ASN A 354 -8.94 2.30 -19.32
C ASN A 354 -10.29 1.94 -18.72
N ASP A 355 -10.56 2.33 -17.49
CA ASP A 355 -11.89 2.10 -16.94
C ASP A 355 -12.43 3.28 -16.12
N VAL A 356 -11.62 3.79 -15.18
CA VAL A 356 -12.07 4.79 -14.25
C VAL A 356 -12.22 6.14 -14.93
N ILE A 357 -11.19 6.59 -15.62
CA ILE A 357 -11.30 7.88 -16.31
C ILE A 357 -12.39 7.82 -17.38
N PRO A 358 -12.43 6.76 -18.18
CA PRO A 358 -13.52 6.78 -19.16
C PRO A 358 -14.92 6.85 -18.60
N ASN A 359 -15.17 6.14 -17.51
CA ASN A 359 -16.47 6.26 -16.86
C ASN A 359 -16.74 7.65 -16.31
N LEU A 360 -15.75 8.25 -15.65
CA LEU A 360 -15.89 9.65 -15.20
C LEU A 360 -16.17 10.57 -16.33
N LEU A 361 -15.48 10.41 -17.44
CA LEU A 361 -15.67 11.39 -18.55
C LEU A 361 -16.99 11.19 -19.27
N LYS A 362 -17.43 9.94 -19.45
CA LYS A 362 -18.74 9.66 -19.99
C LYS A 362 -19.84 10.32 -19.14
N GLU A 363 -19.81 10.14 -17.82
CA GLU A 363 -20.76 10.84 -16.97
C GLU A 363 -20.69 12.35 -17.18
N ALA A 364 -19.46 12.85 -17.26
CA ALA A 364 -19.25 14.30 -17.38
C ALA A 364 -19.84 14.77 -18.68
N ALA A 365 -19.68 13.99 -19.74
CA ALA A 365 -20.30 14.33 -20.99
C ALA A 365 -21.85 14.36 -20.93
N SER A 366 -22.47 13.45 -20.17
CA SER A 366 -23.91 13.51 -20.02
C SER A 366 -24.32 14.71 -19.21
N LEU A 367 -23.56 15.01 -18.16
CA LEU A 367 -23.91 16.13 -17.30
C LEU A 367 -23.73 17.41 -18.09
N LEU A 368 -22.75 17.43 -18.97
CA LEU A 368 -22.59 18.57 -19.89
C LEU A 368 -23.73 18.78 -20.86
N GLU A 369 -24.18 17.69 -21.49
CA GLU A 369 -25.37 17.74 -22.31
C GLU A 369 -26.58 18.24 -21.49
N ALA A 370 -26.57 17.95 -20.20
CA ALA A 370 -27.62 18.39 -19.34
C ALA A 370 -27.38 19.78 -18.80
N GLY A 371 -26.38 20.47 -19.30
CA GLY A 371 -26.17 21.84 -18.91
C GLY A 371 -25.22 22.21 -17.80
N SER A 372 -24.29 21.38 -17.40
CA SER A 372 -23.37 21.84 -16.37
C SER A 372 -22.45 22.98 -16.79
N GLN A 373 -22.09 23.77 -15.81
CA GLN A 373 -21.20 24.94 -15.89
C GLN A 373 -19.99 24.53 -15.05
N GLY A 374 -18.81 25.03 -15.42
CA GLY A 374 -17.57 24.60 -14.76
C GLY A 374 -17.33 23.10 -14.89
N SER A 375 -17.90 22.49 -15.92
CA SER A 375 -17.61 21.09 -16.25
C SER A 375 -16.10 20.84 -16.47
N ALA A 376 -15.62 19.66 -16.03
CA ALA A 376 -14.22 19.33 -16.30
C ALA A 376 -13.96 19.36 -17.79
N LEU A 377 -14.96 18.99 -18.58
CA LEU A 377 -14.77 18.87 -20.02
C LEU A 377 -14.64 20.23 -20.75
N GLN A 378 -14.97 21.30 -20.03
CA GLN A 378 -14.78 22.62 -20.56
C GLN A 378 -13.62 23.31 -19.88
N ASP A 379 -12.84 22.57 -19.09
CA ASP A 379 -11.72 23.19 -18.39
C ASP A 379 -10.37 22.70 -18.99
N PRO A 380 -9.64 23.59 -19.67
CA PRO A 380 -8.37 23.18 -20.27
C PRO A 380 -7.31 22.58 -19.26
N GLU A 381 -7.31 23.05 -18.00
CA GLU A 381 -6.51 22.49 -16.90
C GLU A 381 -6.83 20.98 -16.71
N CYS A 382 -8.11 20.58 -16.82
CA CYS A 382 -8.45 19.16 -16.81
C CYS A 382 -7.88 18.38 -17.98
N PHE A 383 -7.87 19.01 -19.17
CA PHE A 383 -7.30 18.36 -20.36
C PHE A 383 -5.80 18.27 -20.18
N ALA A 384 -5.17 19.29 -19.61
CA ALA A 384 -3.70 19.20 -19.34
C ALA A 384 -3.34 18.07 -18.36
N HIS A 385 -4.16 17.86 -17.32
CA HIS A 385 -3.92 16.80 -16.35
C HIS A 385 -4.00 15.46 -17.03
N LEU A 386 -5.04 15.26 -17.85
CA LEU A 386 -5.15 14.05 -18.64
C LEU A 386 -3.88 13.79 -19.46
N LEU A 387 -3.38 14.83 -20.11
CA LEU A 387 -2.21 14.69 -20.93
C LEU A 387 -0.98 14.41 -20.06
N ARG A 388 -0.89 15.07 -18.91
CA ARG A 388 0.21 14.84 -18.01
C ARG A 388 0.24 13.35 -17.51
N PHE A 389 -0.92 12.81 -17.23
CA PHE A 389 -1.08 11.44 -16.83
C PHE A 389 -0.50 10.55 -17.91
N TYR A 390 -0.88 10.80 -19.13
CA TYR A 390 -0.40 9.91 -20.18
C TYR A 390 1.08 10.11 -20.39
N ASP A 391 1.53 11.35 -20.30
CA ASP A 391 2.98 11.60 -20.42
C ASP A 391 3.85 10.80 -19.42
N GLY A 392 3.48 10.82 -18.13
CA GLY A 392 4.23 10.07 -17.13
C GLY A 392 4.22 8.58 -17.44
N ILE A 393 3.14 8.08 -17.99
CA ILE A 393 3.08 6.65 -18.28
C ILE A 393 4.01 6.32 -19.43
N CYS A 394 4.05 7.18 -20.44
CA CYS A 394 4.89 6.96 -21.55
C CYS A 394 6.35 7.08 -21.10
N LYS A 395 6.65 8.06 -20.23
CA LYS A 395 8.00 8.22 -19.75
C LYS A 395 8.50 7.01 -18.91
N TRP A 396 7.60 6.47 -18.10
CA TRP A 396 7.83 5.27 -17.30
C TRP A 396 8.30 4.14 -18.19
N GLU A 397 7.64 4.01 -19.32
CA GLU A 397 7.94 2.98 -20.25
C GLU A 397 9.36 3.15 -20.85
N GLU A 398 9.84 4.38 -21.01
CA GLU A 398 11.11 4.61 -21.62
C GLU A 398 12.23 3.93 -20.78
N GLY A 399 13.04 3.12 -21.44
CA GLY A 399 14.18 2.50 -20.81
C GLY A 399 13.78 1.28 -19.99
N SER A 400 12.49 0.98 -19.85
CA SER A 400 12.05 -0.21 -19.07
C SER A 400 12.36 -1.52 -19.78
N PRO A 401 12.55 -2.62 -19.02
CA PRO A 401 12.89 -3.90 -19.70
C PRO A 401 11.69 -4.56 -20.41
N THR A 402 10.47 -4.21 -19.98
CA THR A 402 9.26 -4.67 -20.57
C THR A 402 8.42 -3.40 -20.95
N PRO A 403 7.65 -3.44 -22.07
CA PRO A 403 6.73 -2.36 -22.50
C PRO A 403 5.50 -2.16 -21.60
N VAL A 404 4.89 -0.99 -21.68
CA VAL A 404 3.71 -0.71 -20.94
C VAL A 404 2.47 -0.63 -21.88
N LEU A 405 2.61 0.15 -22.94
CA LEU A 405 1.49 0.55 -23.76
C LEU A 405 1.27 -0.44 -24.88
N HIS A 406 0.00 -0.61 -25.21
CA HIS A 406 -0.33 -1.33 -26.42
C HIS A 406 -1.63 -0.75 -26.96
N VAL A 407 -2.14 -1.34 -28.04
CA VAL A 407 -3.26 -0.73 -28.75
C VAL A 407 -4.56 -0.64 -27.90
N GLY A 408 -4.70 -1.55 -26.92
CA GLY A 408 -5.81 -1.51 -25.93
C GLY A 408 -5.82 -0.20 -25.15
N TRP A 409 -4.64 0.32 -24.82
CA TRP A 409 -4.59 1.63 -24.21
C TRP A 409 -4.96 2.72 -25.17
N ALA A 410 -4.65 2.54 -26.45
CA ALA A 410 -4.77 3.65 -27.39
C ALA A 410 -6.24 3.94 -27.68
N THR A 411 -7.04 2.89 -27.76
CA THR A 411 -8.47 3.02 -27.95
C THR A 411 -9.10 3.91 -26.89
N PHE A 412 -8.78 3.67 -25.63
CA PHE A 412 -9.30 4.52 -24.60
C PHE A 412 -8.72 5.92 -24.64
N LEU A 413 -7.46 6.05 -25.02
CA LEU A 413 -6.87 7.36 -25.17
C LEU A 413 -7.68 8.18 -26.17
N VAL A 414 -7.92 7.61 -27.33
CA VAL A 414 -8.64 8.35 -28.36
C VAL A 414 -10.01 8.77 -27.81
N GLN A 415 -10.67 7.86 -27.12
CA GLN A 415 -12.01 8.11 -26.66
C GLN A 415 -11.94 9.23 -25.60
N SER A 416 -10.90 9.23 -24.79
CA SER A 416 -10.87 10.14 -23.67
C SER A 416 -10.58 11.54 -24.26
N LEU A 417 -9.63 11.66 -25.15
CA LEU A 417 -9.38 12.93 -25.86
C LEU A 417 -10.62 13.51 -26.53
N GLY A 418 -11.35 12.66 -27.26
CA GLY A 418 -12.60 13.03 -27.95
C GLY A 418 -13.67 13.60 -27.03
N ARG A 419 -13.59 13.39 -25.72
CA ARG A 419 -14.61 13.95 -24.81
C ARG A 419 -14.54 15.47 -24.68
N PHE A 420 -13.35 16.01 -24.90
CA PHE A 420 -13.06 17.41 -24.93
C PHE A 420 -13.19 17.98 -26.33
N GLU A 421 -14.02 19.02 -26.47
CA GLU A 421 -14.07 19.71 -27.78
C GLU A 421 -12.72 20.29 -28.13
N GLY A 422 -12.42 20.48 -29.42
CA GLY A 422 -11.19 21.16 -29.86
C GLY A 422 -10.96 22.53 -29.28
N GLN A 423 -12.03 23.27 -29.05
CA GLN A 423 -11.92 24.63 -28.48
C GLN A 423 -11.33 24.65 -27.08
N VAL A 424 -11.50 23.55 -26.35
CA VAL A 424 -10.94 23.39 -25.03
C VAL A 424 -9.52 22.87 -25.19
N ARG A 425 -9.31 21.87 -26.05
CA ARG A 425 -8.02 21.21 -26.14
C ARG A 425 -6.96 22.13 -26.66
N GLN A 426 -7.39 23.05 -27.52
CA GLN A 426 -6.50 23.99 -28.13
C GLN A 426 -5.96 25.02 -27.12
N LYS A 427 -6.64 25.23 -25.99
CA LYS A 427 -6.15 26.22 -25.03
C LYS A 427 -4.95 25.75 -24.20
N VAL A 428 -4.60 24.47 -24.27
CA VAL A 428 -3.47 23.97 -23.52
C VAL A 428 -2.20 24.34 -24.26
N ARG A 429 -1.30 25.05 -23.59
CA ARG A 429 -0.01 25.41 -24.18
C ARG A 429 1.06 24.36 -23.83
N ILE A 430 1.50 23.63 -24.84
CA ILE A 430 2.49 22.60 -24.65
C ILE A 430 3.85 23.18 -24.97
N VAL A 431 4.71 23.34 -23.98
CA VAL A 431 5.99 23.99 -24.24
C VAL A 431 7.15 23.06 -24.06
N SER A 432 8.17 23.25 -24.89
CA SER A 432 9.35 22.41 -24.93
C SER A 432 10.39 22.77 -23.91
N PRO A 445 -3.30 27.28 -19.12
CA PRO A 445 -2.49 26.13 -18.70
C PRO A 445 -1.37 25.81 -19.66
N VAL A 446 -0.20 25.60 -19.08
CA VAL A 446 1.01 25.36 -19.83
C VAL A 446 1.43 24.00 -19.34
N LEU A 447 2.00 23.21 -20.23
CA LEU A 447 2.39 21.88 -19.89
C LEU A 447 3.66 21.56 -20.66
N THR A 448 4.61 20.86 -20.02
CA THR A 448 5.78 20.32 -20.70
C THR A 448 5.76 18.79 -20.70
N PHE A 449 6.05 18.16 -21.84
CA PHE A 449 6.06 16.70 -21.90
C PHE A 449 7.48 16.22 -21.69
N GLN A 450 7.64 15.17 -20.91
CA GLN A 450 8.90 14.53 -20.68
C GLN A 450 9.06 13.33 -21.61
N SER A 451 7.98 12.78 -22.13
CA SER A 451 8.08 11.54 -22.87
C SER A 451 8.17 11.84 -24.36
N GLU A 452 9.03 11.11 -25.09
CA GLU A 452 9.06 11.27 -26.54
C GLU A 452 7.73 10.89 -27.19
N LYS A 453 7.02 9.89 -26.69
CA LYS A 453 5.71 9.61 -27.30
C LYS A 453 4.74 10.81 -27.30
N MET A 454 4.55 11.45 -26.16
CA MET A 454 3.63 12.54 -26.06
C MET A 454 4.17 13.76 -26.80
N LYS A 455 5.46 13.98 -26.82
CA LYS A 455 5.99 15.05 -27.65
C LYS A 455 5.62 14.93 -29.11
N GLY A 456 5.73 13.71 -29.64
CA GLY A 456 5.42 13.47 -31.01
C GLY A 456 3.94 13.55 -31.26
N MET A 457 3.14 13.60 -30.22
CA MET A 457 1.72 13.57 -30.35
C MET A 457 1.13 14.97 -30.37
N LYS A 458 1.93 15.94 -30.00
CA LYS A 458 1.43 17.25 -29.59
C LYS A 458 0.46 17.85 -30.62
N GLU A 459 0.83 17.76 -31.90
CA GLU A 459 0.05 18.38 -32.96
C GLU A 459 -1.26 17.61 -33.17
N LEU A 460 -1.28 16.30 -32.92
CA LEU A 460 -2.54 15.56 -33.09
C LEU A 460 -3.58 15.90 -32.02
N LEU A 461 -3.12 16.43 -30.91
CA LEU A 461 -3.96 16.55 -29.72
C LEU A 461 -4.88 17.74 -29.73
N VAL A 462 -4.63 18.64 -30.65
CA VAL A 462 -5.33 19.92 -30.70
C VAL A 462 -6.08 20.16 -32.00
N ALA A 463 -6.01 19.25 -32.95
CA ALA A 463 -6.84 19.30 -34.16
C ALA A 463 -8.31 19.17 -33.79
N THR A 464 -9.20 19.72 -34.64
CA THR A 464 -10.66 19.77 -34.37
C THR A 464 -11.23 18.37 -34.39
N LYS A 465 -10.81 17.60 -35.40
CA LYS A 465 -11.14 16.18 -35.56
C LYS A 465 -9.94 15.38 -35.04
N ILE A 466 -10.12 14.48 -34.06
CA ILE A 466 -9.02 13.65 -33.56
C ILE A 466 -8.55 12.62 -34.61
N ASN A 467 -7.29 12.63 -35.03
CA ASN A 467 -6.86 11.59 -35.96
C ASN A 467 -6.56 10.30 -35.20
N SER A 468 -7.59 9.48 -35.09
CA SER A 468 -7.52 8.28 -34.31
C SER A 468 -6.40 7.26 -34.70
N SER A 469 -6.29 6.86 -35.96
CA SER A 469 -5.21 5.98 -36.39
C SER A 469 -3.83 6.56 -36.07
N ALA A 470 -3.64 7.84 -36.34
CA ALA A 470 -2.37 8.47 -36.05
C ALA A 470 -2.04 8.40 -34.60
N ILE A 471 -3.02 8.72 -33.74
CA ILE A 471 -2.84 8.65 -32.29
C ILE A 471 -2.37 7.29 -31.89
N LYS A 472 -3.05 6.27 -32.38
CA LYS A 472 -2.73 4.90 -32.05
C LYS A 472 -1.32 4.54 -32.43
N LEU A 473 -0.91 4.94 -33.65
CA LEU A 473 0.49 4.73 -34.12
C LEU A 473 1.52 5.35 -33.19
N GLN A 474 1.24 6.56 -32.75
CA GLN A 474 2.19 7.29 -31.95
C GLN A 474 2.29 6.73 -30.55
N LEU A 475 1.21 6.18 -30.03
CA LEU A 475 1.15 5.68 -28.67
C LEU A 475 1.79 4.33 -28.50
N THR A 476 1.68 3.49 -29.51
CA THR A 476 2.16 2.13 -29.47
C THR A 476 3.41 1.96 -30.27
N ALA A 477 3.79 3.03 -30.93
CA ALA A 477 4.95 3.06 -31.78
C ALA A 477 4.98 1.86 -32.69
N GLN A 478 3.81 1.46 -33.17
CA GLN A 478 3.68 0.33 -34.06
C GLN A 478 4.05 0.89 -35.41
N SER A 479 4.90 0.19 -36.15
CA SER A 479 5.51 0.78 -37.34
C SER A 479 4.62 0.93 -38.57
N GLN A 480 3.63 0.04 -38.73
CA GLN A 480 2.87 -0.09 -39.95
C GLN A 480 1.36 -0.23 -39.86
N VAL A 481 0.68 0.15 -40.93
CA VAL A 481 -0.75 -0.07 -41.08
C VAL A 481 -1.07 -1.26 -41.99
N GLN A 482 -2.31 -1.71 -41.96
CA GLN A 482 -2.75 -2.88 -42.71
C GLN A 482 -2.42 -2.89 -44.20
N MET A 483 -1.73 -3.95 -44.65
CA MET A 483 -1.25 -4.06 -46.03
C MET A 483 -2.41 -3.91 -47.01
N LYS A 484 -3.49 -4.66 -46.80
CA LYS A 484 -4.67 -4.69 -47.72
C LYS A 484 -5.67 -3.52 -47.53
#